data_5IEM
#
_entry.id   5IEM
#
_entity_poly.entity_id   1
_entity_poly.type   'polyribonucleotide'
_entity_poly.pdbx_seq_one_letter_code
;GGGAUCUGUCACCCCAUUGAUCGCCUUCGGGCUGAUCUGGCUGGCUAGGCGGGUCCC
;
_entity_poly.pdbx_strand_id   A
#